data_1WD5
#
_entry.id   1WD5
#
_cell.length_a   103.970
_cell.length_b   103.970
_cell.length_c   51.287
_cell.angle_alpha   90.00
_cell.angle_beta   90.00
_cell.angle_gamma   90.00
#
_symmetry.space_group_name_H-M   'P 41 21 2'
#
loop_
_entity.id
_entity.type
_entity.pdbx_description
1 polymer 'hypothetical protein TT1426'
2 non-polymer '2-(N-MORPHOLINO)-ETHANESULFONIC ACID'
3 water water
#
_entity_poly.entity_id   1
_entity_poly.type   'polypeptide(L)'
_entity_poly.pdbx_seq_one_letter_code
;(MSE)RFRDRRHAGALLAEALAPLGLEAPVVLGLPRGGVVVADEVARRLGGELDVVLVRKVGAPGNPEFALGAVGEGGEL
VL(MSE)PYALRYADQSYLEREAARQRDVLRKRAERYRRVRPKAARKGRDVVLVDDGVATGAS(MSE)EAALSVVFQEGP
RRVVVAVPVASPEAVERLKARAEVVALSVPQDFAAVGAYYLDFGEVTDEDVEAILLEWAG
;
_entity_poly.pdbx_strand_id   A
#
loop_
_chem_comp.id
_chem_comp.type
_chem_comp.name
_chem_comp.formula
MES non-polymer '2-(N-MORPHOLINO)-ETHANESULFONIC ACID' 'C6 H13 N O4 S'
#
# COMPACT_ATOMS: atom_id res chain seq x y z
N MSE A 1 -15.71 -4.36 -13.63
CA MSE A 1 -16.70 -4.44 -12.52
C MSE A 1 -17.24 -3.04 -12.23
O MSE A 1 -17.09 -2.13 -13.05
CB MSE A 1 -16.04 -5.03 -11.27
CG MSE A 1 -16.99 -5.55 -10.21
SE MSE A 1 -16.20 -6.70 -9.06
CE MSE A 1 -16.52 -8.28 -9.85
N ARG A 2 -17.87 -2.85 -11.07
CA ARG A 2 -18.42 -1.54 -10.70
C ARG A 2 -18.89 -1.56 -9.25
N PHE A 3 -18.08 -0.99 -8.36
CA PHE A 3 -18.41 -0.96 -6.94
C PHE A 3 -19.21 0.29 -6.57
N ARG A 4 -20.09 0.15 -5.59
CA ARG A 4 -20.91 1.28 -5.12
C ARG A 4 -19.98 2.32 -4.50
N ASP A 5 -19.06 1.85 -3.67
CA ASP A 5 -18.08 2.70 -2.99
C ASP A 5 -16.93 1.86 -2.44
N ARG A 6 -16.02 2.50 -1.73
CA ARG A 6 -14.85 1.80 -1.19
C ARG A 6 -15.19 0.76 -0.11
N ARG A 7 -16.26 0.99 0.66
CA ARG A 7 -16.66 0.02 1.69
C ARG A 7 -17.16 -1.25 1.03
N HIS A 8 -17.89 -1.08 -0.07
CA HIS A 8 -18.44 -2.20 -0.83
C HIS A 8 -17.31 -3.06 -1.39
N ALA A 9 -16.30 -2.42 -1.96
CA ALA A 9 -15.17 -3.13 -2.52
C ALA A 9 -14.40 -3.82 -1.39
N GLY A 10 -14.34 -3.18 -0.23
CA GLY A 10 -13.64 -3.76 0.90
C GLY A 10 -14.30 -5.03 1.39
N ALA A 11 -15.62 -5.06 1.37
CA ALA A 11 -16.36 -6.24 1.81
C ALA A 11 -16.09 -7.40 0.87
N LEU A 12 -16.17 -7.15 -0.43
CA LEU A 12 -15.92 -8.20 -1.43
C LEU A 12 -14.47 -8.68 -1.37
N LEU A 13 -13.56 -7.76 -1.07
CA LEU A 13 -12.15 -8.11 -1.00
C LEU A 13 -11.90 -9.02 0.20
N ALA A 14 -12.52 -8.69 1.33
CA ALA A 14 -12.37 -9.49 2.55
C ALA A 14 -12.88 -10.91 2.30
N GLU A 15 -13.95 -11.02 1.52
CA GLU A 15 -14.52 -12.32 1.19
C GLU A 15 -13.57 -13.14 0.31
N ALA A 16 -12.90 -12.48 -0.62
CA ALA A 16 -11.95 -13.16 -1.50
C ALA A 16 -10.72 -13.61 -0.71
N LEU A 17 -10.43 -12.92 0.39
CA LEU A 17 -9.27 -13.22 1.22
C LEU A 17 -9.50 -14.29 2.29
N ALA A 18 -10.76 -14.42 2.72
CA ALA A 18 -11.12 -15.38 3.76
C ALA A 18 -10.58 -16.80 3.58
N PRO A 19 -10.65 -17.34 2.35
CA PRO A 19 -10.15 -18.69 2.10
C PRO A 19 -8.65 -18.90 2.25
N LEU A 20 -7.88 -17.80 2.18
CA LEU A 20 -6.42 -17.89 2.27
C LEU A 20 -5.85 -18.38 3.60
N GLY A 21 -6.66 -18.38 4.64
CA GLY A 21 -6.19 -18.85 5.93
C GLY A 21 -5.27 -17.91 6.69
N LEU A 22 -5.42 -16.61 6.47
CA LEU A 22 -4.60 -15.63 7.17
C LEU A 22 -5.02 -15.65 8.62
N GLU A 23 -4.08 -15.45 9.54
CA GLU A 23 -4.41 -15.45 10.96
C GLU A 23 -4.21 -14.06 11.59
N ALA A 24 -5.29 -13.48 12.09
CA ALA A 24 -5.25 -12.16 12.72
C ALA A 24 -4.24 -11.30 11.95
N PRO A 25 -4.50 -11.08 10.67
CA PRO A 25 -3.62 -10.29 9.81
C PRO A 25 -3.56 -8.81 10.13
N VAL A 26 -2.43 -8.20 9.81
CA VAL A 26 -2.25 -6.77 9.97
C VAL A 26 -2.57 -6.29 8.56
N VAL A 27 -3.65 -5.52 8.42
CA VAL A 27 -4.07 -5.01 7.12
C VAL A 27 -3.56 -3.59 6.95
N LEU A 28 -2.63 -3.42 6.02
CA LEU A 28 -2.03 -2.11 5.75
C LEU A 28 -2.64 -1.45 4.54
N GLY A 29 -3.18 -0.25 4.73
CA GLY A 29 -3.78 0.47 3.62
C GLY A 29 -2.92 1.61 3.14
N LEU A 30 -2.82 1.78 1.83
CA LEU A 30 -2.04 2.88 1.28
C LEU A 30 -2.92 4.13 1.34
N PRO A 31 -2.34 5.27 1.77
CA PRO A 31 -3.08 6.52 1.89
C PRO A 31 -3.54 6.99 0.51
N ARG A 32 -4.75 7.57 0.40
CA ARG A 32 -5.66 7.76 1.53
C ARG A 32 -6.91 6.91 1.34
N GLY A 33 -7.45 6.87 0.11
CA GLY A 33 -8.63 6.09 -0.15
C GLY A 33 -8.43 4.62 0.20
N GLY A 34 -7.21 4.14 0.04
CA GLY A 34 -6.90 2.75 0.36
C GLY A 34 -7.15 2.40 1.81
N VAL A 35 -7.06 3.38 2.69
CA VAL A 35 -7.27 3.14 4.12
C VAL A 35 -8.73 2.77 4.37
N VAL A 36 -9.64 3.30 3.56
CA VAL A 36 -11.06 2.99 3.73
C VAL A 36 -11.29 1.52 3.38
N VAL A 37 -10.75 1.08 2.24
CA VAL A 37 -10.91 -0.31 1.83
C VAL A 37 -10.25 -1.20 2.87
N ALA A 38 -9.06 -0.81 3.32
CA ALA A 38 -8.31 -1.58 4.31
C ALA A 38 -9.05 -1.74 5.63
N ASP A 39 -9.67 -0.65 6.09
CA ASP A 39 -10.41 -0.69 7.35
C ASP A 39 -11.56 -1.69 7.27
N GLU A 40 -12.28 -1.70 6.15
CA GLU A 40 -13.39 -2.62 5.99
C GLU A 40 -12.87 -4.06 5.99
N VAL A 41 -11.74 -4.29 5.34
CA VAL A 41 -11.16 -5.63 5.29
C VAL A 41 -10.77 -6.07 6.69
N ALA A 42 -10.08 -5.21 7.41
CA ALA A 42 -9.64 -5.52 8.77
C ALA A 42 -10.82 -5.88 9.66
N ARG A 43 -11.92 -5.15 9.52
CA ARG A 43 -13.11 -5.42 10.34
C ARG A 43 -13.77 -6.75 9.98
N ARG A 44 -13.77 -7.10 8.70
CA ARG A 44 -14.40 -8.35 8.28
C ARG A 44 -13.54 -9.57 8.58
N LEU A 45 -12.22 -9.42 8.54
CA LEU A 45 -11.32 -10.54 8.80
C LEU A 45 -10.90 -10.67 10.27
N GLY A 46 -11.35 -9.74 11.11
CA GLY A 46 -10.97 -9.78 12.51
C GLY A 46 -9.49 -9.46 12.66
N GLY A 47 -8.98 -8.62 11.77
CA GLY A 47 -7.58 -8.24 11.82
C GLY A 47 -7.36 -6.88 12.44
N GLU A 48 -6.17 -6.33 12.23
CA GLU A 48 -5.79 -5.03 12.77
C GLU A 48 -5.44 -4.06 11.65
N LEU A 49 -6.04 -2.87 11.68
CA LEU A 49 -5.80 -1.86 10.65
C LEU A 49 -4.71 -0.86 10.97
N ASP A 50 -3.91 -0.55 9.96
CA ASP A 50 -2.84 0.44 10.09
C ASP A 50 -2.56 0.97 8.70
N VAL A 51 -1.71 1.98 8.63
CA VAL A 51 -1.38 2.58 7.35
C VAL A 51 0.09 2.27 7.03
N VAL A 52 0.40 2.16 5.74
CA VAL A 52 1.76 1.91 5.33
C VAL A 52 2.23 3.25 4.78
N LEU A 53 3.33 3.74 5.33
CA LEU A 53 3.86 5.05 4.95
C LEU A 53 5.23 4.90 4.29
N VAL A 54 5.25 5.05 2.97
CA VAL A 54 6.48 4.89 2.19
C VAL A 54 6.48 5.81 0.97
N ARG A 55 7.65 5.94 0.35
CA ARG A 55 7.85 6.74 -0.85
C ARG A 55 8.78 6.01 -1.80
N LYS A 56 8.51 6.16 -3.10
CA LYS A 56 9.34 5.53 -4.10
C LYS A 56 10.56 6.44 -4.34
N VAL A 57 11.72 5.81 -4.57
CA VAL A 57 12.96 6.54 -4.86
C VAL A 57 13.18 6.29 -6.34
N GLY A 58 12.95 7.31 -7.16
CA GLY A 58 13.09 7.17 -8.60
C GLY A 58 14.48 7.36 -9.16
N ALA A 59 14.65 6.94 -10.41
CA ALA A 59 15.94 7.02 -11.10
C ALA A 59 16.23 8.42 -11.65
N PRO A 60 17.51 8.71 -11.93
CA PRO A 60 17.91 10.02 -12.46
C PRO A 60 17.20 10.35 -13.76
N GLY A 61 16.53 11.51 -13.78
CA GLY A 61 15.82 11.93 -14.98
C GLY A 61 14.60 11.09 -15.32
N ASN A 62 14.43 9.96 -14.64
CA ASN A 62 13.31 9.08 -14.90
C ASN A 62 12.63 8.66 -13.60
N PRO A 63 11.85 9.58 -13.00
CA PRO A 63 11.14 9.33 -11.74
C PRO A 63 10.21 8.12 -11.73
N GLU A 64 9.58 7.82 -12.86
CA GLU A 64 8.67 6.68 -12.91
C GLU A 64 9.37 5.34 -12.74
N PHE A 65 10.69 5.32 -12.87
CA PHE A 65 11.43 4.08 -12.72
C PHE A 65 12.03 4.02 -11.32
N ALA A 66 11.55 3.06 -10.54
CA ALA A 66 11.98 2.87 -9.15
C ALA A 66 13.32 2.18 -8.98
N LEU A 67 14.18 2.75 -8.14
CA LEU A 67 15.47 2.16 -7.82
C LEU A 67 15.45 1.72 -6.37
N GLY A 68 14.39 2.10 -5.65
CA GLY A 68 14.26 1.73 -4.25
C GLY A 68 13.08 2.40 -3.58
N ALA A 69 13.10 2.45 -2.25
CA ALA A 69 12.01 3.07 -1.49
C ALA A 69 12.48 3.46 -0.10
N VAL A 70 11.78 4.41 0.53
CA VAL A 70 12.11 4.84 1.89
C VAL A 70 10.85 4.66 2.74
N GLY A 71 11.02 4.18 3.96
CA GLY A 71 9.89 3.98 4.84
C GLY A 71 9.75 5.12 5.84
N GLU A 72 8.67 5.13 6.59
CA GLU A 72 8.42 6.18 7.57
C GLU A 72 9.52 6.24 8.62
N GLY A 73 10.20 5.12 8.83
CA GLY A 73 11.28 5.07 9.81
C GLY A 73 12.56 5.70 9.30
N GLY A 74 12.58 6.10 8.03
CA GLY A 74 13.77 6.71 7.47
C GLY A 74 14.70 5.77 6.72
N GLU A 75 14.52 4.47 6.89
CA GLU A 75 15.37 3.50 6.21
C GLU A 75 15.26 3.56 4.69
N LEU A 76 16.40 3.39 4.02
CA LEU A 76 16.45 3.40 2.57
C LEU A 76 16.60 1.96 2.11
N VAL A 77 15.66 1.49 1.29
CA VAL A 77 15.70 0.12 0.78
C VAL A 77 15.93 0.17 -0.72
N LEU A 78 17.08 -0.34 -1.15
CA LEU A 78 17.45 -0.32 -2.56
C LEU A 78 17.19 -1.63 -3.27
N MSE A 79 16.87 -1.55 -4.55
CA MSE A 79 16.66 -2.74 -5.37
C MSE A 79 18.05 -3.25 -5.76
O MSE A 79 19.01 -2.47 -5.75
CB MSE A 79 15.82 -2.40 -6.60
CG MSE A 79 14.37 -2.06 -6.30
SE MSE A 79 13.40 -3.48 -5.71
CE MSE A 79 13.75 -3.44 -3.94
N PRO A 80 18.18 -4.53 -6.10
CA PRO A 80 19.47 -5.12 -6.48
C PRO A 80 20.23 -4.41 -7.61
N TYR A 81 19.50 -3.71 -8.47
CA TYR A 81 20.09 -3.04 -9.60
C TYR A 81 20.26 -1.53 -9.46
N ALA A 82 19.92 -0.99 -8.29
CA ALA A 82 20.01 0.45 -8.06
C ALA A 82 21.33 1.08 -8.48
N LEU A 83 22.44 0.53 -8.00
CA LEU A 83 23.76 1.08 -8.32
C LEU A 83 24.14 0.98 -9.79
N ARG A 84 23.39 0.19 -10.56
CA ARG A 84 23.68 0.05 -11.98
C ARG A 84 23.03 1.17 -12.77
N TYR A 85 22.15 1.92 -12.11
CA TYR A 85 21.46 3.04 -12.74
C TYR A 85 21.84 4.39 -12.14
N ALA A 86 22.47 4.37 -10.98
CA ALA A 86 22.83 5.61 -10.32
C ALA A 86 23.95 5.40 -9.31
N ASP A 87 24.59 6.49 -8.91
CA ASP A 87 25.66 6.43 -7.93
C ASP A 87 25.03 6.58 -6.56
N GLN A 88 25.76 6.20 -5.51
CA GLN A 88 25.23 6.27 -4.15
C GLN A 88 24.83 7.67 -3.71
N SER A 89 25.62 8.68 -4.07
CA SER A 89 25.29 10.05 -3.66
C SER A 89 23.94 10.50 -4.20
N TYR A 90 23.63 10.14 -5.45
CA TYR A 90 22.33 10.51 -6.01
C TYR A 90 21.23 9.85 -5.19
N LEU A 91 21.39 8.55 -4.97
CA LEU A 91 20.42 7.79 -4.21
C LEU A 91 20.16 8.44 -2.84
N GLU A 92 21.23 8.96 -2.23
CA GLU A 92 21.11 9.61 -0.93
C GLU A 92 20.35 10.93 -1.05
N ARG A 93 20.59 11.67 -2.15
CA ARG A 93 19.91 12.94 -2.36
C ARG A 93 18.43 12.70 -2.61
N GLU A 94 18.12 11.76 -3.48
CA GLU A 94 16.74 11.43 -3.80
C GLU A 94 16.01 10.93 -2.56
N ALA A 95 16.65 10.08 -1.78
CA ALA A 95 16.05 9.55 -0.56
C ALA A 95 15.66 10.68 0.39
N ALA A 96 16.53 11.67 0.53
CA ALA A 96 16.27 12.81 1.41
C ALA A 96 15.04 13.60 0.95
N ARG A 97 14.91 13.80 -0.36
CA ARG A 97 13.75 14.53 -0.88
C ARG A 97 12.46 13.77 -0.61
N GLN A 98 12.49 12.44 -0.72
CA GLN A 98 11.30 11.65 -0.47
C GLN A 98 10.96 11.61 1.03
N ARG A 99 11.97 11.66 1.89
CA ARG A 99 11.70 11.66 3.33
C ARG A 99 10.92 12.91 3.69
N ASP A 100 11.26 14.03 3.05
CA ASP A 100 10.58 15.30 3.32
C ASP A 100 9.11 15.25 2.94
N VAL A 101 8.80 14.57 1.84
CA VAL A 101 7.42 14.45 1.37
C VAL A 101 6.56 13.61 2.32
N LEU A 102 7.21 12.71 3.02
CA LEU A 102 6.54 11.79 3.93
C LEU A 102 6.47 12.21 5.41
N ARG A 103 7.45 13.00 5.85
CA ARG A 103 7.55 13.39 7.25
C ARG A 103 6.34 13.94 8.00
N LYS A 104 5.80 15.07 7.57
CA LYS A 104 4.68 15.66 8.28
C LYS A 104 3.45 14.76 8.34
N ARG A 105 3.12 14.11 7.23
CA ARG A 105 1.95 13.25 7.20
C ARG A 105 2.13 12.07 8.16
N ALA A 106 3.32 11.49 8.18
CA ALA A 106 3.59 10.37 9.07
C ALA A 106 3.49 10.78 10.55
N GLU A 107 3.94 11.98 10.87
CA GLU A 107 3.88 12.46 12.25
C GLU A 107 2.44 12.59 12.73
N ARG A 108 1.57 13.17 11.91
CA ARG A 108 0.19 13.32 12.33
C ARG A 108 -0.57 12.01 12.42
N TYR A 109 -0.29 11.07 11.52
CA TYR A 109 -0.98 9.78 11.58
C TYR A 109 -0.50 9.01 12.82
N ARG A 110 0.81 9.05 13.08
CA ARG A 110 1.36 8.33 14.22
C ARG A 110 0.94 8.92 15.56
N ARG A 111 0.49 10.18 15.54
CA ARG A 111 0.05 10.81 16.77
C ARG A 111 -1.28 10.20 17.22
N VAL A 112 -2.09 9.75 16.27
CA VAL A 112 -3.39 9.15 16.60
C VAL A 112 -3.39 7.61 16.62
N ARG A 113 -2.40 6.99 15.98
CA ARG A 113 -2.30 5.52 15.97
C ARG A 113 -0.85 5.11 15.72
N PRO A 114 -0.20 4.52 16.74
CA PRO A 114 1.20 4.06 16.65
C PRO A 114 1.37 2.91 15.68
N LYS A 115 2.56 2.81 15.08
CA LYS A 115 2.84 1.76 14.12
C LYS A 115 2.64 0.37 14.74
N ALA A 116 1.79 -0.44 14.13
CA ALA A 116 1.54 -1.79 14.63
C ALA A 116 2.69 -2.69 14.20
N ALA A 117 3.00 -3.69 15.04
CA ALA A 117 4.07 -4.63 14.74
C ALA A 117 3.73 -5.42 13.49
N ARG A 118 4.76 -5.79 12.73
CA ARG A 118 4.56 -6.56 11.49
C ARG A 118 5.39 -7.84 11.47
N LYS A 119 6.49 -7.82 12.22
CA LYS A 119 7.39 -8.97 12.28
C LYS A 119 6.70 -10.28 12.64
N GLY A 120 6.91 -11.29 11.80
CA GLY A 120 6.32 -12.59 12.04
C GLY A 120 4.79 -12.66 12.00
N ARG A 121 4.16 -11.69 11.37
CA ARG A 121 2.70 -11.72 11.28
C ARG A 121 2.27 -11.72 9.83
N ASP A 122 1.02 -12.10 9.59
CA ASP A 122 0.51 -12.12 8.22
C ASP A 122 0.15 -10.68 7.89
N VAL A 123 0.65 -10.18 6.77
CA VAL A 123 0.39 -8.81 6.36
C VAL A 123 -0.32 -8.72 5.02
N VAL A 124 -1.38 -7.92 4.97
CA VAL A 124 -2.15 -7.70 3.77
C VAL A 124 -2.02 -6.24 3.34
N LEU A 125 -1.56 -6.01 2.10
CA LEU A 125 -1.40 -4.66 1.58
C LEU A 125 -2.61 -4.34 0.71
N VAL A 126 -3.27 -3.23 1.01
CA VAL A 126 -4.48 -2.85 0.28
C VAL A 126 -4.53 -1.40 -0.22
N ASP A 127 -5.18 -1.20 -1.37
CA ASP A 127 -5.40 0.12 -1.95
C ASP A 127 -6.74 -0.02 -2.67
N ASP A 128 -7.40 1.10 -2.99
CA ASP A 128 -8.68 1.00 -3.68
C ASP A 128 -8.56 0.62 -5.14
N GLY A 129 -7.32 0.63 -5.64
CA GLY A 129 -7.07 0.26 -7.03
C GLY A 129 -5.60 0.38 -7.38
N VAL A 130 -5.18 -0.24 -8.48
CA VAL A 130 -3.78 -0.16 -8.90
C VAL A 130 -3.63 0.02 -10.41
N ALA A 131 -3.32 1.24 -10.82
CA ALA A 131 -3.15 1.54 -12.24
C ALA A 131 -1.78 1.10 -12.76
N THR A 132 -0.73 1.45 -12.04
CA THR A 132 0.63 1.09 -12.46
C THR A 132 1.36 0.23 -11.43
N GLY A 133 1.01 0.40 -10.16
CA GLY A 133 1.64 -0.38 -9.10
C GLY A 133 2.86 0.26 -8.48
N ALA A 134 3.19 1.48 -8.90
CA ALA A 134 4.36 2.18 -8.37
C ALA A 134 4.39 2.26 -6.85
N SER A 135 3.33 2.81 -6.26
CA SER A 135 3.28 2.93 -4.81
C SER A 135 3.25 1.57 -4.10
N MSE A 136 2.49 0.63 -4.66
CA MSE A 136 2.40 -0.69 -4.05
C MSE A 136 3.75 -1.39 -4.02
O MSE A 136 4.10 -2.05 -3.06
CB MSE A 136 1.38 -1.56 -4.79
CG MSE A 136 1.11 -2.89 -4.11
SE MSE A 136 0.37 -2.72 -2.46
CE MSE A 136 -1.30 -2.32 -2.92
N GLU A 137 4.52 -1.24 -5.10
CA GLU A 137 5.85 -1.87 -5.16
C GLU A 137 6.75 -1.28 -4.08
N ALA A 138 6.66 0.02 -3.87
CA ALA A 138 7.47 0.67 -2.85
C ALA A 138 7.05 0.12 -1.49
N ALA A 139 5.74 -0.06 -1.31
CA ALA A 139 5.22 -0.58 -0.05
C ALA A 139 5.77 -1.97 0.20
N LEU A 140 5.78 -2.80 -0.84
CA LEU A 140 6.30 -4.16 -0.73
C LEU A 140 7.77 -4.16 -0.33
N SER A 141 8.57 -3.33 -1.00
CA SER A 141 10.00 -3.26 -0.71
C SER A 141 10.28 -2.98 0.75
N VAL A 142 9.54 -2.05 1.34
CA VAL A 142 9.75 -1.71 2.76
C VAL A 142 9.23 -2.80 3.67
N VAL A 143 7.99 -3.24 3.44
CA VAL A 143 7.39 -4.29 4.26
C VAL A 143 8.21 -5.58 4.28
N PHE A 144 8.76 -5.99 3.14
CA PHE A 144 9.55 -7.22 3.08
C PHE A 144 10.77 -7.17 4.01
N GLN A 145 11.34 -5.99 4.20
CA GLN A 145 12.49 -5.85 5.08
C GLN A 145 12.09 -5.87 6.54
N GLU A 146 10.79 -5.94 6.82
CA GLU A 146 10.32 -5.93 8.20
C GLU A 146 10.06 -7.31 8.80
N GLY A 147 10.46 -8.35 8.08
CA GLY A 147 10.28 -9.72 8.57
C GLY A 147 8.88 -10.24 8.77
N PRO A 148 7.92 -9.94 7.86
CA PRO A 148 6.57 -10.46 8.06
C PRO A 148 6.55 -11.96 7.74
N ARG A 149 5.61 -12.68 8.33
CA ARG A 149 5.48 -14.11 8.10
C ARG A 149 4.99 -14.38 6.69
N ARG A 150 4.08 -13.53 6.22
CA ARG A 150 3.50 -13.68 4.90
C ARG A 150 2.98 -12.33 4.42
N VAL A 151 3.06 -12.10 3.11
CA VAL A 151 2.60 -10.84 2.54
C VAL A 151 1.65 -11.14 1.37
N VAL A 152 0.49 -10.48 1.38
CA VAL A 152 -0.49 -10.64 0.32
C VAL A 152 -0.95 -9.27 -0.16
N VAL A 153 -0.91 -9.07 -1.47
CA VAL A 153 -1.37 -7.81 -2.05
C VAL A 153 -2.83 -8.02 -2.44
N ALA A 154 -3.71 -7.18 -1.91
CA ALA A 154 -5.14 -7.31 -2.20
C ALA A 154 -5.73 -6.00 -2.70
N VAL A 155 -6.33 -6.05 -3.89
CA VAL A 155 -6.91 -4.85 -4.49
C VAL A 155 -8.21 -5.13 -5.25
N PRO A 156 -9.19 -4.22 -5.16
CA PRO A 156 -10.47 -4.37 -5.84
C PRO A 156 -10.33 -4.44 -7.36
N VAL A 157 -9.51 -3.56 -7.92
CA VAL A 157 -9.31 -3.53 -9.38
C VAL A 157 -7.87 -3.19 -9.74
N ALA A 158 -7.37 -3.79 -10.81
CA ALA A 158 -6.00 -3.55 -11.25
C ALA A 158 -5.81 -3.71 -12.76
N SER A 159 -4.80 -3.05 -13.31
CA SER A 159 -4.52 -3.16 -14.74
C SER A 159 -3.69 -4.42 -14.94
N PRO A 160 -3.75 -5.00 -16.14
CA PRO A 160 -2.97 -6.21 -16.41
C PRO A 160 -1.49 -5.99 -16.09
N GLU A 161 -0.98 -4.84 -16.50
CA GLU A 161 0.42 -4.48 -16.29
C GLU A 161 0.79 -4.49 -14.81
N ALA A 162 -0.02 -3.80 -14.01
CA ALA A 162 0.22 -3.73 -12.57
C ALA A 162 0.26 -5.10 -11.94
N VAL A 163 -0.70 -5.95 -12.31
CA VAL A 163 -0.75 -7.30 -11.77
C VAL A 163 0.53 -8.06 -12.02
N GLU A 164 1.02 -8.02 -13.25
CA GLU A 164 2.26 -8.73 -13.58
C GLU A 164 3.43 -8.24 -12.73
N ARG A 165 3.55 -6.92 -12.58
CA ARG A 165 4.65 -6.37 -11.78
C ARG A 165 4.59 -6.85 -10.33
N LEU A 166 3.40 -6.85 -9.76
CA LEU A 166 3.21 -7.26 -8.37
C LEU A 166 3.27 -8.77 -8.17
N LYS A 167 2.60 -9.49 -9.05
CA LYS A 167 2.56 -10.95 -8.96
C LYS A 167 3.97 -11.55 -9.05
N ALA A 168 4.88 -10.79 -9.66
CA ALA A 168 6.26 -11.23 -9.80
C ALA A 168 6.95 -11.22 -8.44
N ARG A 169 6.39 -10.47 -7.50
CA ARG A 169 6.99 -10.35 -6.18
C ARG A 169 6.18 -10.89 -5.00
N ALA A 170 4.87 -11.04 -5.17
CA ALA A 170 4.05 -11.54 -4.07
C ALA A 170 2.72 -12.10 -4.52
N GLU A 171 2.05 -12.78 -3.61
CA GLU A 171 0.74 -13.33 -3.92
C GLU A 171 -0.16 -12.12 -4.11
N VAL A 172 -0.98 -12.16 -5.15
CA VAL A 172 -1.88 -11.05 -5.44
C VAL A 172 -3.32 -11.52 -5.53
N VAL A 173 -4.20 -10.76 -4.87
CA VAL A 173 -5.62 -11.04 -4.88
C VAL A 173 -6.29 -9.80 -5.48
N ALA A 174 -6.79 -9.94 -6.71
CA ALA A 174 -7.45 -8.83 -7.39
C ALA A 174 -8.84 -9.29 -7.80
N LEU A 175 -9.85 -8.51 -7.45
CA LEU A 175 -11.23 -8.85 -7.77
C LEU A 175 -11.52 -8.71 -9.26
N SER A 176 -10.88 -7.73 -9.88
CA SER A 176 -11.09 -7.47 -11.29
C SER A 176 -9.82 -6.94 -11.95
N VAL A 177 -9.53 -7.46 -13.14
CA VAL A 177 -8.36 -7.05 -13.90
C VAL A 177 -8.84 -6.83 -15.34
N PRO A 178 -9.53 -5.72 -15.59
CA PRO A 178 -10.06 -5.40 -16.92
C PRO A 178 -8.98 -5.21 -18.00
N GLN A 179 -9.11 -5.95 -19.10
CA GLN A 179 -8.18 -5.87 -20.22
C GLN A 179 -8.15 -4.48 -20.82
N ASP A 180 -9.18 -3.68 -20.52
CA ASP A 180 -9.27 -2.32 -21.03
C ASP A 180 -9.29 -1.31 -19.88
N PHE A 181 -8.47 -1.60 -18.87
CA PHE A 181 -8.38 -0.74 -17.69
C PHE A 181 -8.34 0.74 -18.06
N ALA A 182 -9.26 1.51 -17.49
CA ALA A 182 -9.31 2.94 -17.75
C ALA A 182 -8.56 3.65 -16.62
N ALA A 183 -9.27 3.90 -15.53
CA ALA A 183 -8.71 4.56 -14.36
C ALA A 183 -9.40 3.97 -13.14
N VAL A 184 -8.73 3.99 -11.99
CA VAL A 184 -9.32 3.43 -10.78
C VAL A 184 -10.70 3.99 -10.49
N GLY A 185 -10.82 5.32 -10.53
CA GLY A 185 -12.09 5.96 -10.25
C GLY A 185 -13.24 5.56 -11.17
N ALA A 186 -12.91 5.01 -12.33
CA ALA A 186 -13.96 4.62 -13.27
C ALA A 186 -14.74 3.39 -12.78
N TYR A 187 -14.18 2.66 -11.81
CA TYR A 187 -14.87 1.47 -11.32
C TYR A 187 -15.63 1.65 -10.02
N TYR A 188 -15.82 2.90 -9.61
CA TYR A 188 -16.55 3.22 -8.38
C TYR A 188 -17.68 4.23 -8.65
N LEU A 189 -18.88 3.93 -8.19
CA LEU A 189 -19.99 4.85 -8.39
C LEU A 189 -19.70 6.09 -7.55
N ASP A 190 -19.25 5.85 -6.32
CA ASP A 190 -18.90 6.92 -5.39
C ASP A 190 -17.39 6.88 -5.17
N PHE A 191 -16.68 7.80 -5.79
CA PHE A 191 -15.23 7.87 -5.65
C PHE A 191 -14.87 9.20 -4.99
N GLY A 192 -15.62 9.54 -3.95
CA GLY A 192 -15.37 10.79 -3.24
C GLY A 192 -14.00 10.90 -2.59
N GLU A 193 -13.61 12.14 -2.34
CA GLU A 193 -12.32 12.45 -1.70
C GLU A 193 -12.24 11.95 -0.25
N VAL A 194 -11.08 11.41 0.11
CA VAL A 194 -10.82 10.93 1.47
C VAL A 194 -9.67 11.82 1.98
N THR A 195 -9.97 12.71 2.91
CA THR A 195 -8.98 13.65 3.43
C THR A 195 -8.08 13.06 4.51
N ASP A 196 -7.00 13.79 4.83
CA ASP A 196 -6.09 13.34 5.88
C ASP A 196 -6.89 13.24 7.18
N GLU A 197 -7.84 14.16 7.38
CA GLU A 197 -8.66 14.11 8.58
C GLU A 197 -9.53 12.85 8.57
N ASP A 198 -9.99 12.44 7.40
CA ASP A 198 -10.79 11.21 7.31
C ASP A 198 -9.91 10.01 7.67
N VAL A 199 -8.66 10.02 7.21
CA VAL A 199 -7.76 8.91 7.52
C VAL A 199 -7.48 8.89 9.02
N GLU A 200 -7.28 10.07 9.61
CA GLU A 200 -7.02 10.17 11.04
C GLU A 200 -8.19 9.63 11.85
N ALA A 201 -9.41 9.95 11.40
CA ALA A 201 -10.62 9.50 12.09
C ALA A 201 -10.66 7.97 12.10
N ILE A 202 -10.31 7.36 10.97
CA ILE A 202 -10.30 5.92 10.87
C ILE A 202 -9.22 5.31 11.76
N LEU A 203 -8.02 5.88 11.70
CA LEU A 203 -6.90 5.39 12.50
C LEU A 203 -7.14 5.45 14.01
N LEU A 204 -7.86 6.48 14.45
CA LEU A 204 -8.15 6.68 15.88
C LEU A 204 -8.88 5.51 16.52
N GLU A 205 -9.77 4.88 15.76
CA GLU A 205 -10.54 3.73 16.26
C GLU A 205 -9.66 2.51 16.56
N TRP A 206 -8.42 2.51 16.05
CA TRP A 206 -7.53 1.37 16.26
C TRP A 206 -6.43 1.58 17.28
N ALA A 207 -6.42 2.72 17.94
CA ALA A 207 -5.39 2.98 18.95
C ALA A 207 -5.88 2.43 20.28
N GLY A 208 -4.99 2.32 21.25
CA GLY A 208 -5.41 1.80 22.54
C GLY A 208 -6.25 2.78 23.35
O1 MES B . -21.22 -7.04 0.51
C2 MES B . -20.50 -7.78 -0.49
C3 MES B . -21.18 -9.12 -0.80
N4 MES B . -21.31 -9.89 0.45
C5 MES B . -22.04 -9.14 1.49
C6 MES B . -21.38 -7.79 1.73
C7 MES B . -21.95 -11.20 0.21
C8 MES B . -21.32 -12.28 1.07
S MES B . -21.61 -13.92 0.52
O1S MES B . -21.58 -14.69 1.77
O2S MES B . -20.53 -14.32 -0.35
O3S MES B . -22.91 -13.98 -0.12
#